data_3PG1
#
_entry.id   3PG1
#
_cell.length_a   81.260
_cell.length_b   81.260
_cell.length_c   129.380
_cell.angle_alpha   90.000
_cell.angle_beta   90.000
_cell.angle_gamma   90.000
#
_symmetry.space_group_name_H-M   'P 43 21 2'
#
loop_
_entity.id
_entity.type
_entity.pdbx_description
1 polymer 'Mitogen-activated protein kinase, putative (Map kinase-like protein)'
2 water water
#
_entity_poly.entity_id   1
_entity_poly.type   'polypeptide(L)'
_entity_poly.pdbx_seq_one_letter_code
;GMQAKGEAAMRDLIAELHAMQSPYTVQRFISSGSYGAVCAGVDSEGIPVAIKRVFNTVSDGRTVNILSDSFLCKRVLREI
RLLNHFHHPNILGLRDIFVHFEEPAMHKLYLVTELMRTDLAQVIHDQRIVISPQHIQYFMYHILLGLHVLHEAGVVHRDL
HPGNILLADNNDITICDFNLAREDTADANKTHYVTHRWYRAPELVMQFKGFTKLVDMWSAGCVMAEMFNRKALFRGSTFY
NQLNKIVEVVGTPKIEDVVMFSSPSARDYLRNSLSNVPARAWTAVVPTADPVALDLIAKMLEFNPQRRISTEQALRHPYF
ESLFDPLDLTEGLSERFHFDESVTDVYDMHKIFTAEVERFND
;
_entity_poly.pdbx_strand_id   A
#
# COMPACT_ATOMS: atom_id res chain seq x y z
N GLY A 6 -16.91 19.02 -7.70
CA GLY A 6 -16.99 18.01 -8.74
C GLY A 6 -16.81 18.56 -10.13
N GLU A 7 -17.86 19.24 -10.64
CA GLU A 7 -17.87 19.87 -11.97
C GLU A 7 -16.92 21.08 -12.04
N ALA A 8 -16.65 21.70 -10.87
CA ALA A 8 -15.75 22.85 -10.73
C ALA A 8 -14.29 22.40 -10.76
N ALA A 9 -13.99 21.23 -10.14
CA ALA A 9 -12.64 20.63 -10.09
C ALA A 9 -12.10 20.37 -11.50
N MET A 10 -12.94 19.78 -12.37
CA MET A 10 -12.63 19.47 -13.77
C MET A 10 -12.38 20.77 -14.56
N ARG A 11 -13.28 21.76 -14.42
CA ARG A 11 -13.22 23.07 -15.08
C ARG A 11 -11.93 23.82 -14.67
N ASP A 12 -11.60 23.82 -13.35
CA ASP A 12 -10.38 24.46 -12.82
C ASP A 12 -9.12 23.81 -13.42
N LEU A 13 -9.06 22.46 -13.40
CA LEU A 13 -7.95 21.69 -13.94
C LEU A 13 -7.75 21.92 -15.44
N ILE A 14 -8.85 21.84 -16.25
CA ILE A 14 -8.80 22.05 -17.71
C ILE A 14 -8.12 23.40 -18.02
N ALA A 15 -8.63 24.50 -17.42
CA ALA A 15 -8.12 25.87 -17.61
C ALA A 15 -6.64 25.97 -17.20
N GLU A 16 -6.27 25.45 -16.01
CA GLU A 16 -4.88 25.50 -15.54
C GLU A 16 -3.92 24.74 -16.45
N LEU A 17 -4.32 23.52 -16.89
CA LEU A 17 -3.50 22.71 -17.81
C LEU A 17 -3.37 23.38 -19.20
N HIS A 18 -4.40 24.14 -19.61
CA HIS A 18 -4.41 24.88 -20.88
C HIS A 18 -3.40 26.03 -20.84
N ALA A 19 -3.42 26.82 -19.76
CA ALA A 19 -2.50 27.93 -19.47
C ALA A 19 -1.03 27.43 -19.47
N MET A 20 -0.82 26.16 -19.07
CA MET A 20 0.48 25.48 -19.00
C MET A 20 0.96 24.85 -20.32
N GLN A 21 0.06 24.73 -21.34
CA GLN A 21 0.33 24.05 -22.63
C GLN A 21 0.67 22.54 -22.38
N SER A 22 0.06 21.97 -21.31
CA SER A 22 0.22 20.58 -20.87
C SER A 22 -0.16 19.57 -21.96
N PRO A 23 0.48 18.37 -21.98
CA PRO A 23 0.14 17.37 -23.01
C PRO A 23 -1.14 16.56 -22.72
N TYR A 24 -1.93 17.00 -21.73
CA TYR A 24 -3.12 16.29 -21.25
C TYR A 24 -4.47 16.79 -21.74
N THR A 25 -5.43 15.86 -21.76
CA THR A 25 -6.83 16.10 -22.11
C THR A 25 -7.65 15.51 -20.95
N VAL A 26 -8.25 16.39 -20.13
CA VAL A 26 -9.07 16.02 -18.97
C VAL A 26 -10.43 15.50 -19.49
N GLN A 27 -10.67 14.19 -19.36
CA GLN A 27 -11.88 13.54 -19.87
C GLN A 27 -13.04 13.54 -18.88
N ARG A 28 -12.81 13.04 -17.65
CA ARG A 28 -13.86 12.93 -16.65
C ARG A 28 -13.37 13.13 -15.22
N PHE A 29 -14.31 13.41 -14.31
CA PHE A 29 -14.03 13.59 -12.89
C PHE A 29 -13.98 12.19 -12.25
N ILE A 30 -12.94 11.95 -11.43
CA ILE A 30 -12.76 10.67 -10.75
C ILE A 30 -13.23 10.74 -9.30
N SER A 31 -12.51 11.49 -8.44
CA SER A 31 -12.81 11.61 -7.01
C SER A 31 -12.40 12.96 -6.41
N SER A 32 -13.00 13.32 -5.26
CA SER A 32 -12.71 14.57 -4.53
C SER A 32 -12.79 14.37 -3.03
N GLY A 33 -11.84 15.00 -2.33
CA GLY A 33 -11.72 15.00 -0.88
C GLY A 33 -10.85 16.17 -0.43
N SER A 34 -10.73 16.39 0.88
CA SER A 34 -9.87 17.45 1.42
C SER A 34 -8.42 17.08 1.06
N TYR A 35 -7.63 18.08 0.61
CA TYR A 35 -6.22 17.99 0.19
C TYR A 35 -5.97 17.80 -1.32
N GLY A 36 -6.99 17.39 -2.07
CA GLY A 36 -6.87 17.24 -3.51
C GLY A 36 -8.04 16.60 -4.23
N ALA A 37 -8.13 16.85 -5.53
CA ALA A 37 -9.15 16.32 -6.43
C ALA A 37 -8.47 15.52 -7.54
N VAL A 38 -9.08 14.41 -7.96
CA VAL A 38 -8.53 13.54 -9.00
C VAL A 38 -9.46 13.51 -10.22
N CYS A 39 -8.87 13.67 -11.41
CA CYS A 39 -9.58 13.60 -12.68
C CYS A 39 -8.93 12.58 -13.59
N ALA A 40 -9.73 11.81 -14.33
CA ALA A 40 -9.21 10.86 -15.30
C ALA A 40 -9.04 11.60 -16.64
N GLY A 41 -7.81 11.60 -17.13
CA GLY A 41 -7.44 12.24 -18.39
C GLY A 41 -6.67 11.30 -19.29
N VAL A 42 -6.04 11.84 -20.34
CA VAL A 42 -5.24 11.09 -21.31
C VAL A 42 -3.97 11.90 -21.63
N ASP A 43 -2.79 11.22 -21.74
CA ASP A 43 -1.55 11.89 -22.14
C ASP A 43 -1.51 12.11 -23.69
N SER A 44 -0.45 12.72 -24.24
CA SER A 44 -0.35 12.99 -25.68
C SER A 44 -0.23 11.72 -26.57
N GLU A 45 -0.08 10.52 -25.95
CA GLU A 45 0.06 9.23 -26.63
C GLU A 45 -1.15 8.29 -26.48
N GLY A 46 -2.23 8.79 -25.88
CA GLY A 46 -3.46 8.00 -25.67
C GLY A 46 -3.53 7.23 -24.36
N ILE A 47 -2.40 7.10 -23.63
CA ILE A 47 -2.35 6.37 -22.35
C ILE A 47 -3.16 7.06 -21.23
N PRO A 48 -4.15 6.34 -20.63
CA PRO A 48 -4.97 6.94 -19.56
C PRO A 48 -4.19 7.30 -18.30
N VAL A 49 -4.45 8.51 -17.78
CA VAL A 49 -3.78 9.03 -16.58
C VAL A 49 -4.78 9.55 -15.56
N ALA A 50 -4.35 9.56 -14.30
CA ALA A 50 -5.09 10.11 -13.18
C ALA A 50 -4.36 11.41 -12.85
N ILE A 51 -5.07 12.54 -12.90
CA ILE A 51 -4.45 13.83 -12.63
C ILE A 51 -4.98 14.42 -11.32
N LYS A 52 -4.11 14.44 -10.30
CA LYS A 52 -4.40 14.97 -8.98
C LYS A 52 -3.95 16.43 -8.91
N ARG A 53 -4.85 17.29 -8.42
CA ARG A 53 -4.63 18.73 -8.27
C ARG A 53 -4.70 19.07 -6.77
N VAL A 54 -3.56 19.49 -6.20
CA VAL A 54 -3.40 19.86 -4.80
C VAL A 54 -3.38 21.38 -4.73
N PHE A 55 -4.41 21.99 -4.11
CA PHE A 55 -4.53 23.44 -3.97
C PHE A 55 -4.93 23.87 -2.55
N ASN A 56 -6.24 23.84 -2.25
CA ASN A 56 -6.77 24.27 -0.95
C ASN A 56 -7.50 23.19 -0.15
N THR A 57 -7.83 23.54 1.09
CA THR A 57 -8.55 22.72 2.07
C THR A 57 -9.19 23.65 3.13
N VAL A 58 -10.22 23.17 3.83
CA VAL A 58 -10.86 23.93 4.90
C VAL A 58 -10.48 23.27 6.24
N SER A 59 -9.17 23.38 6.59
CA SER A 59 -8.62 22.83 7.84
C SER A 59 -8.80 23.85 8.98
N ASP A 60 -9.38 23.38 10.11
CA ASP A 60 -9.69 24.15 11.33
C ASP A 60 -10.83 25.19 11.20
N GLY A 61 -11.56 25.17 10.09
CA GLY A 61 -12.69 26.08 9.85
C GLY A 61 -12.47 27.10 8.75
N ARG A 62 -11.21 27.57 8.61
CA ARG A 62 -10.83 28.55 7.58
C ARG A 62 -10.08 27.90 6.42
N THR A 63 -10.17 28.50 5.22
CA THR A 63 -9.52 28.01 3.99
C THR A 63 -8.00 28.16 4.04
N VAL A 64 -7.30 27.03 3.94
CA VAL A 64 -5.83 26.96 4.00
C VAL A 64 -5.26 26.48 2.67
N ASN A 65 -4.17 27.13 2.23
CA ASN A 65 -3.42 26.71 1.05
C ASN A 65 -2.44 25.62 1.52
N ILE A 66 -2.55 24.42 0.95
CA ILE A 66 -1.73 23.26 1.32
C ILE A 66 -0.22 23.59 1.34
N LEU A 67 0.33 24.00 0.20
CA LEU A 67 1.75 24.31 0.05
C LEU A 67 2.26 25.53 0.85
N SER A 68 1.31 26.29 1.47
CA SER A 68 1.62 27.43 2.32
C SER A 68 1.70 27.07 3.82
N ASP A 69 1.01 26.00 4.25
CA ASP A 69 1.05 25.57 5.65
C ASP A 69 2.12 24.51 5.88
N SER A 70 3.01 24.76 6.86
CA SER A 70 4.13 23.89 7.25
C SER A 70 3.83 22.39 7.34
N PHE A 71 2.86 22.01 8.20
CA PHE A 71 2.48 20.61 8.44
C PHE A 71 1.93 19.91 7.19
N LEU A 72 0.90 20.50 6.55
CA LEU A 72 0.26 19.96 5.35
C LEU A 72 1.24 19.88 4.17
N CYS A 73 2.08 20.94 4.00
CA CYS A 73 3.12 21.00 2.97
C CYS A 73 4.08 19.82 3.12
N LYS A 74 4.55 19.57 4.38
CA LYS A 74 5.44 18.47 4.75
C LYS A 74 4.82 17.10 4.46
N ARG A 75 3.53 16.94 4.78
CA ARG A 75 2.78 15.71 4.54
C ARG A 75 2.77 15.37 3.03
N VAL A 76 2.44 16.37 2.19
CA VAL A 76 2.40 16.21 0.73
C VAL A 76 3.81 15.99 0.13
N LEU A 77 4.83 16.71 0.66
CA LEU A 77 6.22 16.57 0.22
C LEU A 77 6.71 15.13 0.46
N ARG A 78 6.35 14.56 1.62
CA ARG A 78 6.72 13.17 1.95
C ARG A 78 6.03 12.17 0.99
N GLU A 79 4.74 12.39 0.68
CA GLU A 79 4.01 11.51 -0.24
C GLU A 79 4.65 11.56 -1.63
N ILE A 80 5.06 12.75 -2.05
CA ILE A 80 5.69 13.00 -3.35
C ILE A 80 7.09 12.42 -3.42
N ARG A 81 7.90 12.67 -2.41
CA ARG A 81 9.27 12.15 -2.34
C ARG A 81 9.27 10.62 -2.41
N LEU A 82 8.31 9.96 -1.72
CA LEU A 82 8.18 8.50 -1.71
C LEU A 82 7.80 7.96 -3.06
N LEU A 83 6.86 8.66 -3.77
CA LEU A 83 6.43 8.25 -5.13
C LEU A 83 7.57 8.33 -6.10
N ASN A 84 8.37 9.39 -5.96
CA ASN A 84 9.50 9.70 -6.81
C ASN A 84 10.78 8.93 -6.51
N HIS A 85 10.81 8.22 -5.37
CA HIS A 85 11.96 7.42 -4.92
C HIS A 85 12.12 6.10 -5.70
N PHE A 86 11.02 5.48 -6.09
CA PHE A 86 11.05 4.17 -6.79
C PHE A 86 10.91 4.31 -8.30
N HIS A 87 11.48 3.37 -9.06
CA HIS A 87 11.41 3.29 -10.52
C HIS A 87 11.39 1.81 -10.78
N HIS A 88 10.27 1.18 -10.43
CA HIS A 88 10.16 -0.26 -10.53
C HIS A 88 8.79 -0.64 -11.09
N PRO A 89 8.71 -1.69 -11.96
CA PRO A 89 7.39 -2.06 -12.55
C PRO A 89 6.28 -2.39 -11.56
N ASN A 90 6.59 -2.84 -10.35
CA ASN A 90 5.58 -3.26 -9.38
C ASN A 90 5.19 -2.21 -8.39
N ILE A 91 5.78 -1.02 -8.50
CA ILE A 91 5.54 0.12 -7.61
C ILE A 91 4.98 1.26 -8.45
N LEU A 92 3.78 1.76 -8.08
CA LEU A 92 3.16 2.86 -8.85
C LEU A 92 4.07 4.08 -8.81
N GLY A 93 4.45 4.58 -9.96
CA GLY A 93 5.36 5.72 -9.98
C GLY A 93 4.74 7.01 -10.44
N LEU A 94 5.52 8.09 -10.33
CA LEU A 94 5.10 9.40 -10.83
C LEU A 94 5.32 9.38 -12.33
N ARG A 95 4.26 9.65 -13.11
CA ARG A 95 4.31 9.76 -14.58
C ARG A 95 4.77 11.18 -14.88
N ASP A 96 4.36 12.10 -14.00
CA ASP A 96 4.64 13.52 -14.11
C ASP A 96 4.36 14.24 -12.80
N ILE A 97 5.03 15.38 -12.62
CA ILE A 97 4.90 16.28 -11.47
C ILE A 97 5.30 17.69 -11.90
N PHE A 98 4.47 18.67 -11.52
CA PHE A 98 4.68 20.09 -11.84
C PHE A 98 4.04 20.96 -10.77
N VAL A 99 4.73 22.05 -10.40
CA VAL A 99 4.32 22.99 -9.34
C VAL A 99 4.14 24.40 -9.86
N HIS A 100 2.99 25.01 -9.51
CA HIS A 100 2.70 26.39 -9.88
C HIS A 100 2.73 27.21 -8.61
N PHE A 101 3.82 27.94 -8.38
CA PHE A 101 3.98 28.80 -7.22
C PHE A 101 3.51 30.22 -7.54
N GLU A 102 2.59 30.75 -6.70
CA GLU A 102 2.02 32.09 -6.79
C GLU A 102 2.00 32.70 -5.37
N GLU A 103 2.81 33.76 -5.17
CA GLU A 103 3.08 34.50 -3.93
C GLU A 103 2.01 34.59 -2.81
N PRO A 104 0.76 35.12 -3.01
CA PRO A 104 -0.17 35.20 -1.88
C PRO A 104 -0.96 33.91 -1.62
N ALA A 105 -0.25 32.85 -1.17
CA ALA A 105 -0.78 31.51 -0.85
C ALA A 105 -1.73 30.95 -1.94
N MET A 106 -1.28 31.01 -3.21
CA MET A 106 -2.01 30.54 -4.39
C MET A 106 -1.21 29.42 -5.11
N HIS A 107 -0.42 28.66 -4.33
CA HIS A 107 0.43 27.57 -4.81
C HIS A 107 -0.38 26.31 -5.13
N LYS A 108 -0.11 25.73 -6.32
CA LYS A 108 -0.75 24.50 -6.80
C LYS A 108 0.27 23.41 -7.16
N LEU A 109 -0.11 22.15 -6.92
CA LEU A 109 0.71 20.98 -7.22
C LEU A 109 -0.12 19.98 -8.01
N TYR A 110 0.46 19.47 -9.08
CA TYR A 110 -0.19 18.52 -9.98
C TYR A 110 0.59 17.24 -10.00
N LEU A 111 -0.15 16.14 -9.84
CA LEU A 111 0.39 14.81 -9.76
C LEU A 111 -0.25 13.92 -10.77
N VAL A 112 0.58 13.34 -11.61
CA VAL A 112 0.12 12.48 -12.69
C VAL A 112 0.63 11.05 -12.49
N THR A 113 -0.30 10.09 -12.49
CA THR A 113 0.00 8.65 -12.38
C THR A 113 -0.81 7.95 -13.46
N GLU A 114 -0.37 6.76 -13.90
CA GLU A 114 -1.06 5.98 -14.90
C GLU A 114 -2.39 5.52 -14.28
N LEU A 115 -3.50 5.68 -15.00
CA LEU A 115 -4.79 5.22 -14.47
C LEU A 115 -4.88 3.73 -14.80
N MET A 116 -4.89 2.88 -13.76
CA MET A 116 -4.95 1.44 -13.94
C MET A 116 -6.35 0.94 -14.28
N ARG A 117 -6.44 -0.20 -14.99
CA ARG A 117 -7.72 -0.79 -15.40
C ARG A 117 -8.62 -1.10 -14.21
N THR A 118 -8.07 -1.78 -13.18
CA THR A 118 -8.86 -2.19 -12.01
C THR A 118 -7.92 -2.44 -10.84
N ASP A 119 -8.48 -2.97 -9.75
CA ASP A 119 -7.72 -3.37 -8.58
C ASP A 119 -8.09 -4.82 -8.25
N LEU A 120 -7.32 -5.44 -7.37
CA LEU A 120 -7.51 -6.83 -6.98
C LEU A 120 -8.79 -7.08 -6.18
N ALA A 121 -9.23 -6.09 -5.38
CA ALA A 121 -10.49 -6.20 -4.61
C ALA A 121 -11.68 -6.41 -5.57
N GLN A 122 -11.71 -5.66 -6.68
CA GLN A 122 -12.75 -5.77 -7.70
C GLN A 122 -12.70 -7.13 -8.40
N VAL A 123 -11.48 -7.60 -8.74
CA VAL A 123 -11.26 -8.90 -9.37
C VAL A 123 -11.74 -10.06 -8.47
N ILE A 124 -11.31 -10.05 -7.19
CA ILE A 124 -11.71 -11.06 -6.20
C ILE A 124 -13.23 -11.14 -6.06
N HIS A 125 -13.90 -10.00 -6.00
CA HIS A 125 -15.33 -9.98 -5.77
C HIS A 125 -16.23 -10.19 -6.97
N ASP A 126 -15.64 -10.17 -8.18
CA ASP A 126 -16.37 -10.42 -9.41
C ASP A 126 -16.48 -11.94 -9.60
N GLN A 127 -17.67 -12.48 -9.28
CA GLN A 127 -18.06 -13.90 -9.42
C GLN A 127 -17.93 -14.42 -10.86
N ARG A 128 -17.97 -13.52 -11.86
CA ARG A 128 -17.84 -13.90 -13.27
C ARG A 128 -16.37 -14.16 -13.65
N ILE A 129 -15.42 -13.72 -12.79
CA ILE A 129 -13.99 -13.87 -13.02
C ILE A 129 -13.45 -15.13 -12.34
N VAL A 130 -12.76 -15.96 -13.11
CA VAL A 130 -12.09 -17.16 -12.61
C VAL A 130 -10.69 -16.70 -12.17
N ILE A 131 -10.31 -17.01 -10.91
CA ILE A 131 -8.96 -16.74 -10.44
C ILE A 131 -8.32 -18.11 -10.24
N SER A 132 -7.64 -18.57 -11.25
CA SER A 132 -7.00 -19.88 -11.25
C SER A 132 -5.75 -19.95 -10.34
N PRO A 133 -5.30 -21.17 -9.93
CA PRO A 133 -4.05 -21.25 -9.15
C PRO A 133 -2.85 -20.63 -9.90
N GLN A 134 -2.83 -20.70 -11.25
CA GLN A 134 -1.74 -20.08 -12.04
C GLN A 134 -1.79 -18.55 -11.89
N HIS A 135 -3.00 -17.97 -11.88
CA HIS A 135 -3.18 -16.52 -11.74
C HIS A 135 -2.72 -16.12 -10.34
N ILE A 136 -3.09 -16.92 -9.32
CA ILE A 136 -2.71 -16.61 -7.90
C ILE A 136 -1.20 -16.59 -7.75
N GLN A 137 -0.50 -17.58 -8.30
CA GLN A 137 0.95 -17.67 -8.17
C GLN A 137 1.60 -16.44 -8.82
N TYR A 138 1.10 -16.08 -10.01
CA TYR A 138 1.65 -14.93 -10.75
C TYR A 138 1.44 -13.63 -9.99
N PHE A 139 0.19 -13.34 -9.58
CA PHE A 139 -0.14 -12.13 -8.81
C PHE A 139 0.68 -12.03 -7.54
N MET A 140 0.74 -13.14 -6.77
CA MET A 140 1.49 -13.19 -5.51
C MET A 140 2.99 -12.92 -5.74
N TYR A 141 3.54 -13.46 -6.84
CA TYR A 141 4.97 -13.25 -7.13
C TYR A 141 5.22 -11.72 -7.27
N HIS A 142 4.37 -11.03 -8.04
CA HIS A 142 4.51 -9.60 -8.28
C HIS A 142 4.18 -8.75 -7.06
N ILE A 143 3.17 -9.18 -6.28
CA ILE A 143 2.84 -8.49 -5.00
C ILE A 143 4.06 -8.55 -4.09
N LEU A 144 4.69 -9.75 -3.94
N LEU A 144 4.68 -9.75 -3.95
CA LEU A 144 5.84 -9.87 -3.03
CA LEU A 144 5.84 -9.91 -3.04
C LEU A 144 7.07 -9.14 -3.54
C LEU A 144 7.08 -9.17 -3.55
N LEU A 145 7.24 -9.08 -4.87
CA LEU A 145 8.37 -8.30 -5.45
C LEU A 145 8.16 -6.80 -5.17
N GLY A 146 6.93 -6.30 -5.27
CA GLY A 146 6.70 -4.89 -4.95
C GLY A 146 7.00 -4.63 -3.48
N LEU A 147 6.56 -5.54 -2.57
CA LEU A 147 6.90 -5.39 -1.13
C LEU A 147 8.41 -5.49 -0.90
N HIS A 148 9.09 -6.45 -1.58
CA HIS A 148 10.53 -6.62 -1.45
C HIS A 148 11.24 -5.28 -1.80
N VAL A 149 10.83 -4.64 -2.91
CA VAL A 149 11.41 -3.38 -3.38
C VAL A 149 11.19 -2.27 -2.32
N LEU A 150 9.97 -2.17 -1.80
CA LEU A 150 9.73 -1.18 -0.76
C LEU A 150 10.63 -1.47 0.46
N HIS A 151 10.64 -2.71 0.93
CA HIS A 151 11.39 -3.14 2.13
C HIS A 151 12.89 -2.94 1.97
N GLU A 152 13.41 -3.16 0.74
CA GLU A 152 14.85 -2.97 0.47
C GLU A 152 15.24 -1.48 0.61
N ALA A 153 14.27 -0.56 0.41
CA ALA A 153 14.50 0.88 0.60
C ALA A 153 14.12 1.35 2.04
N GLY A 154 13.82 0.44 2.96
CA GLY A 154 13.41 0.77 4.33
C GLY A 154 11.99 1.29 4.45
N VAL A 155 11.15 1.05 3.44
CA VAL A 155 9.79 1.54 3.45
C VAL A 155 8.83 0.43 3.80
N VAL A 156 7.94 0.69 4.73
CA VAL A 156 6.94 -0.29 5.13
C VAL A 156 5.61 0.20 4.59
N HIS A 157 4.84 -0.69 3.89
CA HIS A 157 3.55 -0.26 3.34
C HIS A 157 2.62 0.05 4.49
N ARG A 158 2.38 -0.93 5.34
CA ARG A 158 1.55 -0.85 6.53
C ARG A 158 0.04 -0.91 6.30
N ASP A 159 -0.41 -0.76 5.04
CA ASP A 159 -1.86 -0.90 4.83
C ASP A 159 -2.14 -1.61 3.49
N LEU A 160 -1.45 -2.73 3.27
CA LEU A 160 -1.61 -3.48 2.03
C LEU A 160 -2.93 -4.22 2.07
N HIS A 161 -3.74 -4.09 1.03
CA HIS A 161 -5.02 -4.79 0.92
C HIS A 161 -5.37 -4.87 -0.58
N PRO A 162 -6.31 -5.76 -1.01
CA PRO A 162 -6.62 -5.88 -2.45
C PRO A 162 -6.97 -4.56 -3.18
N GLY A 163 -7.55 -3.58 -2.47
CA GLY A 163 -7.93 -2.27 -3.00
C GLY A 163 -6.74 -1.42 -3.45
N ASN A 164 -5.53 -1.69 -2.92
CA ASN A 164 -4.33 -0.95 -3.34
C ASN A 164 -3.34 -1.81 -4.12
N ILE A 165 -3.83 -2.94 -4.60
CA ILE A 165 -3.06 -3.81 -5.49
C ILE A 165 -3.76 -3.62 -6.82
N LEU A 166 -3.11 -2.88 -7.73
CA LEU A 166 -3.66 -2.48 -9.05
C LEU A 166 -3.24 -3.40 -10.19
N LEU A 167 -4.15 -3.56 -11.16
CA LEU A 167 -4.00 -4.41 -12.34
C LEU A 167 -4.05 -3.45 -13.57
N ALA A 168 -3.06 -3.51 -14.45
CA ALA A 168 -3.06 -2.71 -15.68
C ALA A 168 -3.92 -3.46 -16.70
N ASP A 169 -4.23 -2.85 -17.89
CA ASP A 169 -5.01 -3.53 -18.94
C ASP A 169 -4.32 -4.83 -19.32
N ASN A 170 -2.97 -4.80 -19.33
CA ASN A 170 -2.06 -5.90 -19.63
CA ASN A 170 -2.14 -5.96 -19.66
C ASN A 170 -1.87 -6.86 -18.44
N ASN A 171 -2.69 -6.71 -17.38
CA ASN A 171 -2.67 -7.46 -16.11
C ASN A 171 -1.41 -7.34 -15.22
N ASP A 172 -0.53 -6.36 -15.55
CA ASP A 172 0.67 -6.05 -14.76
C ASP A 172 0.20 -5.61 -13.36
N ILE A 173 0.86 -6.11 -12.32
CA ILE A 173 0.54 -5.81 -10.91
CA ILE A 173 0.51 -5.76 -10.94
C ILE A 173 1.37 -4.61 -10.44
N THR A 174 0.72 -3.64 -9.84
CA THR A 174 1.38 -2.46 -9.28
C THR A 174 0.79 -2.22 -7.86
N ILE A 175 1.66 -1.94 -6.90
CA ILE A 175 1.25 -1.60 -5.54
C ILE A 175 1.19 -0.07 -5.42
N CYS A 176 0.12 0.45 -4.83
CA CYS A 176 0.01 1.88 -4.58
C CYS A 176 -0.31 2.14 -3.11
N ASP A 177 -0.41 3.43 -2.76
CA ASP A 177 -0.77 3.90 -1.42
C ASP A 177 0.23 3.48 -0.33
N PHE A 178 1.48 3.15 -0.71
CA PHE A 178 2.55 2.79 0.22
C PHE A 178 3.09 4.11 0.82
N ASN A 179 2.81 5.26 0.14
CA ASN A 179 3.32 6.60 0.47
C ASN A 179 2.42 7.48 1.37
N LEU A 180 1.34 6.89 1.90
CA LEU A 180 0.40 7.58 2.79
C LEU A 180 0.73 7.23 4.24
N HIS A 196 -8.07 -2.13 5.31
CA HIS A 196 -9.10 -2.52 6.27
C HIS A 196 -8.48 -3.18 7.52
N ARG A 197 -9.26 -3.20 8.64
CA ARG A 197 -8.92 -3.90 9.89
C ARG A 197 -8.63 -5.43 9.60
N TRP A 198 -9.24 -5.97 8.54
CA TRP A 198 -9.14 -7.38 8.14
C TRP A 198 -7.74 -7.88 7.71
N TYR A 199 -6.84 -6.97 7.33
CA TYR A 199 -5.50 -7.33 6.83
C TYR A 199 -4.39 -6.94 7.77
N ARG A 200 -4.71 -6.46 8.99
CA ARG A 200 -3.71 -5.99 9.95
C ARG A 200 -3.10 -7.14 10.71
N ALA A 201 -1.77 -7.14 10.78
CA ALA A 201 -0.97 -8.12 11.47
C ALA A 201 -1.33 -8.07 12.95
N PRO A 202 -1.21 -9.20 13.69
CA PRO A 202 -1.52 -9.19 15.15
C PRO A 202 -0.83 -8.07 15.93
N GLU A 203 0.45 -7.78 15.62
CA GLU A 203 1.14 -6.66 16.29
C GLU A 203 0.53 -5.28 15.98
N LEU A 204 -0.11 -5.06 14.79
CA LEU A 204 -0.79 -3.75 14.57
C LEU A 204 -2.13 -3.74 15.28
N VAL A 205 -2.83 -4.90 15.33
CA VAL A 205 -4.13 -4.96 16.05
C VAL A 205 -3.84 -4.65 17.53
N MET A 206 -2.68 -5.14 18.05
CA MET A 206 -2.26 -4.90 19.43
C MET A 206 -1.48 -3.59 19.62
N GLN A 207 -1.53 -2.72 18.61
CA GLN A 207 -0.97 -1.35 18.67
C GLN A 207 0.49 -1.28 19.10
N PHE A 208 1.29 -2.28 18.75
CA PHE A 208 2.71 -2.29 19.08
C PHE A 208 3.46 -1.20 18.28
N LYS A 209 4.17 -0.35 18.99
CA LYS A 209 4.89 0.76 18.34
C LYS A 209 6.14 0.26 17.57
N GLY A 210 6.67 -0.90 17.96
CA GLY A 210 7.88 -1.46 17.36
C GLY A 210 7.60 -2.35 16.15
N PHE A 211 6.47 -2.15 15.45
CA PHE A 211 6.16 -2.98 14.26
C PHE A 211 7.25 -2.75 13.21
N THR A 212 7.38 -3.73 12.30
CA THR A 212 8.40 -3.67 11.26
C THR A 212 7.80 -4.00 9.88
N LYS A 213 8.66 -4.16 8.87
CA LYS A 213 8.25 -4.54 7.50
C LYS A 213 7.50 -5.89 7.48
N LEU A 214 7.69 -6.74 8.54
CA LEU A 214 6.91 -7.98 8.62
C LEU A 214 5.40 -7.84 8.70
N VAL A 215 4.92 -6.65 9.08
CA VAL A 215 3.45 -6.45 9.04
C VAL A 215 2.91 -6.66 7.59
N ASP A 216 3.72 -6.27 6.58
CA ASP A 216 3.31 -6.39 5.18
C ASP A 216 3.20 -7.84 4.74
N MET A 217 4.04 -8.73 5.32
N MET A 217 4.03 -8.74 5.32
CA MET A 217 4.03 -10.16 5.00
CA MET A 217 3.99 -10.17 4.98
C MET A 217 2.72 -10.80 5.49
C MET A 217 2.65 -10.73 5.44
N TRP A 218 2.20 -10.31 6.63
CA TRP A 218 0.92 -10.77 7.17
C TRP A 218 -0.20 -10.36 6.21
N SER A 219 -0.21 -9.09 5.77
CA SER A 219 -1.24 -8.61 4.83
C SER A 219 -1.23 -9.40 3.51
N ALA A 220 -0.02 -9.66 3.01
CA ALA A 220 0.14 -10.43 1.79
C ALA A 220 -0.43 -11.88 1.93
N GLY A 221 -0.22 -12.52 3.07
CA GLY A 221 -0.75 -13.86 3.36
C GLY A 221 -2.28 -13.82 3.38
N CYS A 222 -2.87 -12.74 3.95
CA CYS A 222 -4.33 -12.55 3.97
C CYS A 222 -4.83 -12.42 2.54
N VAL A 223 -4.12 -11.63 1.70
CA VAL A 223 -4.50 -11.45 0.29
C VAL A 223 -4.42 -12.76 -0.47
N MET A 224 -3.35 -13.55 -0.23
CA MET A 224 -3.16 -14.85 -0.89
C MET A 224 -4.34 -15.79 -0.58
N ALA A 225 -4.67 -16.00 0.70
CA ALA A 225 -5.81 -16.86 1.12
C ALA A 225 -7.13 -16.36 0.51
N GLU A 226 -7.28 -15.04 0.43
CA GLU A 226 -8.49 -14.43 -0.10
C GLU A 226 -8.66 -14.71 -1.59
N MET A 227 -7.55 -14.80 -2.34
CA MET A 227 -7.68 -15.07 -3.78
C MET A 227 -8.14 -16.51 -3.98
N PHE A 228 -7.74 -17.44 -3.09
CA PHE A 228 -8.19 -18.84 -3.20
C PHE A 228 -9.67 -18.93 -2.78
N ASN A 229 -9.98 -18.35 -1.62
CA ASN A 229 -11.32 -18.39 -1.00
C ASN A 229 -12.36 -17.49 -1.63
N ARG A 230 -11.94 -16.39 -2.28
CA ARG A 230 -12.83 -15.39 -2.89
C ARG A 230 -13.63 -14.66 -1.79
N LYS A 231 -13.07 -14.68 -0.55
CA LYS A 231 -13.68 -14.09 0.64
C LYS A 231 -12.54 -13.79 1.60
N ALA A 232 -12.57 -12.63 2.27
CA ALA A 232 -11.47 -12.30 3.21
C ALA A 232 -11.40 -13.34 4.31
N LEU A 233 -10.19 -13.61 4.73
CA LEU A 233 -9.86 -14.65 5.69
C LEU A 233 -10.31 -14.36 7.13
N PHE A 234 -10.03 -13.15 7.63
CA PHE A 234 -10.29 -12.77 9.02
C PHE A 234 -11.17 -11.53 9.07
N ARG A 235 -12.48 -11.79 9.06
CA ARG A 235 -13.51 -10.73 8.94
C ARG A 235 -14.08 -10.32 10.27
N GLY A 236 -13.22 -9.83 11.16
CA GLY A 236 -13.64 -9.43 12.49
C GLY A 236 -14.24 -8.03 12.52
N SER A 237 -14.82 -7.66 13.62
CA SER A 237 -15.43 -6.32 13.78
C SER A 237 -14.95 -5.61 15.03
N THR A 238 -14.14 -6.29 15.87
CA THR A 238 -13.68 -5.69 17.12
C THR A 238 -12.28 -6.16 17.37
N PHE A 239 -11.60 -5.52 18.31
CA PHE A 239 -10.26 -5.92 18.73
C PHE A 239 -10.27 -7.42 19.17
N TYR A 240 -11.22 -7.83 20.04
CA TYR A 240 -11.21 -9.22 20.53
C TYR A 240 -11.62 -10.24 19.49
N ASN A 241 -12.66 -9.95 18.72
CA ASN A 241 -13.17 -10.91 17.78
C ASN A 241 -12.29 -11.07 16.55
N GLN A 242 -11.48 -10.05 16.23
CA GLN A 242 -10.49 -10.10 15.15
C GLN A 242 -9.35 -11.02 15.62
N LEU A 243 -8.88 -10.80 16.84
CA LEU A 243 -7.83 -11.68 17.41
C LEU A 243 -8.31 -13.10 17.56
N ASN A 244 -9.59 -13.29 17.94
CA ASN A 244 -10.16 -14.61 18.06
C ASN A 244 -10.21 -15.32 16.70
N LYS A 245 -10.66 -14.64 15.65
CA LYS A 245 -10.69 -15.21 14.29
C LYS A 245 -9.31 -15.63 13.83
N ILE A 246 -8.28 -14.85 14.20
CA ILE A 246 -6.91 -15.17 13.81
C ILE A 246 -6.44 -16.42 14.54
N VAL A 247 -6.57 -16.43 15.87
CA VAL A 247 -6.14 -17.52 16.76
C VAL A 247 -6.86 -18.85 16.44
N GLU A 248 -8.13 -18.80 16.06
CA GLU A 248 -8.92 -19.95 15.62
C GLU A 248 -8.21 -20.66 14.46
N VAL A 249 -7.54 -19.90 13.59
CA VAL A 249 -6.83 -20.46 12.44
C VAL A 249 -5.40 -20.82 12.84
N VAL A 250 -4.63 -19.84 13.36
CA VAL A 250 -3.21 -20.01 13.66
C VAL A 250 -2.86 -20.74 14.98
N GLY A 251 -3.79 -20.85 15.89
CA GLY A 251 -3.51 -21.47 17.17
C GLY A 251 -3.07 -20.44 18.17
N THR A 252 -3.29 -20.76 19.43
CA THR A 252 -3.00 -19.89 20.56
C THR A 252 -1.50 -19.55 20.63
N PRO A 253 -1.09 -18.27 20.54
CA PRO A 253 0.33 -17.94 20.67
C PRO A 253 0.78 -18.01 22.14
N LYS A 254 2.08 -18.17 22.40
CA LYS A 254 2.59 -18.18 23.78
CA LYS A 254 2.61 -18.18 23.78
C LYS A 254 2.35 -16.80 24.36
N ILE A 255 1.92 -16.71 25.65
CA ILE A 255 1.65 -15.41 26.30
C ILE A 255 2.91 -14.52 26.28
N GLU A 256 4.09 -15.14 26.41
CA GLU A 256 5.37 -14.42 26.37
C GLU A 256 5.55 -13.72 25.04
N ASP A 257 5.08 -14.35 23.94
CA ASP A 257 5.14 -13.73 22.61
C ASP A 257 4.12 -12.61 22.46
N VAL A 258 2.94 -12.73 23.06
CA VAL A 258 1.94 -11.66 23.00
C VAL A 258 2.45 -10.38 23.69
N VAL A 259 3.06 -10.53 24.88
CA VAL A 259 3.55 -9.36 25.61
C VAL A 259 4.64 -8.63 24.87
N MET A 260 5.50 -9.37 24.12
CA MET A 260 6.53 -8.73 23.31
C MET A 260 6.00 -7.88 22.12
N PHE A 261 4.83 -8.18 21.58
N PHE A 261 4.78 -8.17 21.61
CA PHE A 261 4.40 -7.36 20.44
CA PHE A 261 4.22 -7.47 20.44
C PHE A 261 3.02 -6.74 20.60
C PHE A 261 2.91 -6.78 20.66
N SER A 262 2.75 -6.23 21.84
CA SER A 262 1.52 -5.52 22.20
C SER A 262 1.88 -4.25 22.94
N SER A 263 1.04 -3.24 22.81
CA SER A 263 1.20 -2.02 23.59
C SER A 263 0.79 -2.34 25.04
N PRO A 264 1.17 -1.52 26.04
CA PRO A 264 0.70 -1.74 27.42
C PRO A 264 -0.83 -1.78 27.56
N SER A 265 -1.55 -0.97 26.78
CA SER A 265 -3.03 -0.92 26.77
CA SER A 265 -3.03 -0.91 26.78
C SER A 265 -3.60 -2.24 26.24
N ALA A 266 -3.00 -2.80 25.15
CA ALA A 266 -3.45 -4.05 24.54
C ALA A 266 -3.23 -5.25 25.44
N ARG A 267 -2.11 -5.28 26.19
CA ARG A 267 -1.80 -6.31 27.18
C ARG A 267 -2.88 -6.32 28.26
N ASP A 268 -3.31 -5.12 28.69
CA ASP A 268 -4.36 -5.04 29.70
C ASP A 268 -5.71 -5.48 29.13
N TYR A 269 -5.98 -5.22 27.84
CA TYR A 269 -7.23 -5.68 27.23
C TYR A 269 -7.30 -7.22 27.23
N LEU A 270 -6.16 -7.84 26.99
CA LEU A 270 -6.02 -9.30 26.86
CA LEU A 270 -5.98 -9.29 26.84
C LEU A 270 -5.65 -10.00 28.16
N ARG A 271 -5.55 -9.22 29.26
CA ARG A 271 -5.17 -9.66 30.63
C ARG A 271 -5.90 -10.90 31.14
N ASN A 272 -7.23 -10.94 31.02
CA ASN A 272 -8.04 -12.07 31.50
C ASN A 272 -8.48 -12.96 30.35
N SER A 273 -7.85 -12.82 29.17
CA SER A 273 -8.20 -13.65 28.02
C SER A 273 -7.68 -15.06 28.20
N LEU A 274 -8.62 -16.02 28.33
CA LEU A 274 -8.33 -17.45 28.43
C LEU A 274 -8.27 -17.98 26.98
N SER A 275 -7.18 -18.65 26.62
CA SER A 275 -7.00 -19.18 25.26
C SER A 275 -6.19 -20.47 25.27
N ASN A 276 -6.83 -21.57 24.86
CA ASN A 276 -6.23 -22.91 24.77
C ASN A 276 -6.88 -23.55 23.54
N VAL A 277 -6.55 -23.00 22.38
CA VAL A 277 -7.11 -23.39 21.09
C VAL A 277 -6.04 -23.97 20.16
N PRO A 278 -6.26 -25.19 19.60
CA PRO A 278 -5.27 -25.75 18.67
C PRO A 278 -5.35 -25.09 17.29
N ALA A 279 -4.25 -25.13 16.52
CA ALA A 279 -4.25 -24.60 15.15
C ALA A 279 -5.21 -25.48 14.31
N ARG A 280 -5.91 -24.88 13.31
CA ARG A 280 -6.80 -25.67 12.45
C ARG A 280 -5.95 -26.29 11.35
N ALA A 281 -6.49 -27.33 10.66
CA ALA A 281 -5.78 -27.89 9.52
C ALA A 281 -5.90 -26.81 8.45
N TRP A 282 -4.79 -26.49 7.78
CA TRP A 282 -4.81 -25.44 6.77
C TRP A 282 -5.70 -25.80 5.56
N THR A 283 -5.81 -27.12 5.22
CA THR A 283 -6.67 -27.66 4.15
C THR A 283 -8.15 -27.22 4.34
N ALA A 284 -8.57 -26.98 5.59
CA ALA A 284 -9.92 -26.54 5.95
C ALA A 284 -10.10 -25.02 5.82
N VAL A 285 -9.02 -24.25 6.08
CA VAL A 285 -9.02 -22.79 6.01
C VAL A 285 -9.01 -22.31 4.53
N VAL A 286 -8.15 -22.92 3.72
CA VAL A 286 -7.99 -22.54 2.31
C VAL A 286 -8.15 -23.84 1.47
N PRO A 287 -9.41 -24.34 1.30
CA PRO A 287 -9.61 -25.64 0.65
C PRO A 287 -9.08 -25.86 -0.76
N THR A 288 -9.06 -24.81 -1.58
CA THR A 288 -8.61 -24.94 -2.97
C THR A 288 -7.08 -24.73 -3.13
N ALA A 289 -6.36 -24.44 -2.03
CA ALA A 289 -4.89 -24.28 -2.14
C ALA A 289 -4.23 -25.65 -2.06
N ASP A 290 -3.28 -25.93 -2.97
CA ASP A 290 -2.53 -27.18 -2.93
C ASP A 290 -1.52 -27.19 -1.73
N PRO A 291 -0.89 -28.33 -1.36
CA PRO A 291 0.00 -28.34 -0.17
C PRO A 291 1.16 -27.36 -0.13
N VAL A 292 1.74 -27.06 -1.28
CA VAL A 292 2.88 -26.15 -1.40
C VAL A 292 2.41 -24.70 -1.12
N ALA A 293 1.28 -24.34 -1.72
CA ALA A 293 0.62 -23.05 -1.50
C ALA A 293 0.23 -22.87 -0.02
N LEU A 294 -0.33 -23.95 0.61
CA LEU A 294 -0.73 -23.89 2.02
C LEU A 294 0.45 -23.66 2.95
N ASP A 295 1.56 -24.35 2.67
CA ASP A 295 2.82 -24.27 3.41
C ASP A 295 3.30 -22.82 3.42
N LEU A 296 3.27 -22.14 2.26
CA LEU A 296 3.67 -20.73 2.22
C LEU A 296 2.68 -19.83 2.98
N ILE A 297 1.38 -19.99 2.75
CA ILE A 297 0.37 -19.18 3.48
C ILE A 297 0.57 -19.31 4.98
N ALA A 298 0.76 -20.54 5.48
CA ALA A 298 0.93 -20.76 6.95
C ALA A 298 2.20 -20.02 7.46
N LYS A 299 3.25 -19.97 6.64
CA LYS A 299 4.48 -19.23 7.01
C LYS A 299 4.34 -17.73 6.99
N MET A 300 3.51 -17.20 6.08
CA MET A 300 3.25 -15.75 6.03
C MET A 300 2.34 -15.38 7.20
N LEU A 301 1.49 -16.30 7.64
CA LEU A 301 0.52 -15.97 8.70
C LEU A 301 0.96 -16.48 10.06
N GLU A 302 2.26 -16.29 10.38
CA GLU A 302 2.75 -16.59 11.73
C GLU A 302 2.30 -15.44 12.60
N PHE A 303 1.67 -15.76 13.74
CA PHE A 303 1.17 -14.73 14.67
C PHE A 303 2.33 -13.84 15.13
N ASN A 304 3.44 -14.45 15.47
CA ASN A 304 4.59 -13.70 15.97
C ASN A 304 5.49 -13.28 14.78
N PRO A 305 5.72 -11.95 14.55
CA PRO A 305 6.61 -11.52 13.44
C PRO A 305 8.05 -12.05 13.51
N GLN A 306 8.55 -12.37 14.71
CA GLN A 306 9.92 -12.92 14.84
C GLN A 306 10.05 -14.27 14.08
N ARG A 307 8.93 -15.02 13.84
CA ARG A 307 8.95 -16.33 13.15
C ARG A 307 8.32 -16.23 11.76
N ARG A 308 7.86 -15.04 11.37
CA ARG A 308 7.16 -14.78 10.10
C ARG A 308 8.15 -14.74 8.92
N ILE A 309 7.79 -15.41 7.85
CA ILE A 309 8.70 -15.55 6.69
C ILE A 309 9.02 -14.17 6.07
N SER A 310 10.29 -13.91 5.74
CA SER A 310 10.70 -12.65 5.15
C SER A 310 10.31 -12.61 3.65
N THR A 311 10.31 -11.41 3.02
CA THR A 311 9.99 -11.37 1.57
C THR A 311 10.93 -12.20 0.75
N GLU A 312 12.25 -12.12 1.06
CA GLU A 312 13.17 -12.91 0.27
C GLU A 312 12.91 -14.42 0.41
N GLN A 313 12.72 -14.90 1.62
CA GLN A 313 12.48 -16.34 1.80
C GLN A 313 11.11 -16.79 1.18
N ALA A 314 10.11 -15.91 1.17
CA ALA A 314 8.79 -16.20 0.56
C ALA A 314 9.00 -16.30 -0.95
N LEU A 315 9.72 -15.32 -1.54
CA LEU A 315 10.06 -15.32 -2.98
C LEU A 315 10.86 -16.57 -3.39
N ARG A 316 11.72 -17.09 -2.47
CA ARG A 316 12.52 -18.29 -2.71
C ARG A 316 11.81 -19.60 -2.39
N HIS A 317 10.58 -19.50 -1.90
CA HIS A 317 9.80 -20.64 -1.50
C HIS A 317 9.46 -21.47 -2.76
N PRO A 318 9.46 -22.82 -2.67
CA PRO A 318 9.13 -23.65 -3.86
C PRO A 318 7.79 -23.32 -4.54
N TYR A 319 6.86 -22.64 -3.84
CA TYR A 319 5.60 -22.18 -4.43
C TYR A 319 5.84 -21.34 -5.71
N PHE A 320 6.91 -20.53 -5.71
CA PHE A 320 7.25 -19.68 -6.87
C PHE A 320 8.31 -20.27 -7.76
N GLU A 321 8.68 -21.55 -7.54
CA GLU A 321 9.76 -22.19 -8.34
C GLU A 321 9.71 -21.96 -9.84
N SER A 322 8.53 -22.10 -10.45
CA SER A 322 8.38 -21.93 -11.91
C SER A 322 8.50 -20.47 -12.40
N LEU A 323 8.50 -19.50 -11.49
CA LEU A 323 8.54 -18.08 -11.85
C LEU A 323 9.77 -17.37 -11.38
N PHE A 324 10.35 -17.86 -10.28
CA PHE A 324 11.46 -17.21 -9.61
C PHE A 324 12.72 -17.10 -10.41
N ASP A 325 13.33 -15.93 -10.29
CA ASP A 325 14.63 -15.64 -10.86
C ASP A 325 15.36 -14.79 -9.80
N PRO A 326 16.56 -15.19 -9.34
CA PRO A 326 17.27 -14.38 -8.33
C PRO A 326 17.46 -12.93 -8.74
N LEU A 327 17.54 -12.62 -10.05
CA LEU A 327 17.70 -11.25 -10.54
CA LEU A 327 17.73 -11.24 -10.50
C LEU A 327 16.54 -10.35 -10.11
N ASP A 328 15.33 -10.94 -9.91
CA ASP A 328 14.16 -10.16 -9.44
C ASP A 328 14.39 -9.59 -8.03
N LEU A 329 15.28 -10.19 -7.26
CA LEU A 329 15.61 -9.69 -5.91
C LEU A 329 16.47 -8.42 -5.91
N THR A 330 17.18 -8.14 -7.01
CA THR A 330 18.14 -7.01 -7.04
C THR A 330 17.91 -6.01 -8.17
N GLU A 331 17.15 -6.37 -9.19
CA GLU A 331 16.95 -5.43 -10.32
C GLU A 331 15.95 -4.34 -10.01
N GLY A 332 16.30 -3.11 -10.38
CA GLY A 332 15.43 -1.95 -10.19
C GLY A 332 15.20 -1.54 -8.75
N LEU A 333 16.09 -1.94 -7.87
CA LEU A 333 15.91 -1.52 -6.46
C LEU A 333 16.31 -0.08 -6.33
N SER A 334 15.76 0.60 -5.34
CA SER A 334 16.15 1.93 -4.95
C SER A 334 16.95 1.80 -3.65
N GLU A 335 17.78 2.80 -3.40
CA GLU A 335 18.58 2.94 -2.17
CA GLU A 335 18.55 2.84 -2.15
C GLU A 335 17.62 3.26 -1.02
N ARG A 336 18.12 3.25 0.23
CA ARG A 336 17.32 3.59 1.39
C ARG A 336 16.68 4.96 1.28
N PHE A 337 15.36 5.02 1.53
CA PHE A 337 14.63 6.29 1.53
C PHE A 337 14.94 7.04 2.83
N HIS A 338 15.23 8.34 2.72
CA HIS A 338 15.51 9.22 3.84
C HIS A 338 14.66 10.47 3.68
N PHE A 339 13.93 10.83 4.72
CA PHE A 339 13.17 12.07 4.75
C PHE A 339 13.60 12.81 6.03
N ASP A 340 14.12 14.04 5.87
CA ASP A 340 14.55 14.85 7.00
C ASP A 340 13.31 15.55 7.57
N GLU A 341 12.80 15.03 8.70
CA GLU A 341 11.58 15.52 9.36
C GLU A 341 11.79 16.80 10.20
N SER A 342 13.05 17.23 10.36
CA SER A 342 13.41 18.47 11.06
C SER A 342 13.01 19.71 10.24
N VAL A 343 12.72 19.53 8.93
CA VAL A 343 12.27 20.63 8.04
C VAL A 343 10.92 21.15 8.52
N THR A 344 10.78 22.48 8.57
CA THR A 344 9.58 23.13 9.07
C THR A 344 9.19 24.33 8.21
N ASP A 345 10.19 25.01 7.63
CA ASP A 345 10.00 26.19 6.78
C ASP A 345 9.36 25.80 5.44
N VAL A 346 8.23 26.44 5.09
CA VAL A 346 7.49 26.22 3.84
C VAL A 346 8.31 26.56 2.60
N TYR A 347 9.14 27.61 2.70
CA TYR A 347 10.04 28.07 1.62
C TYR A 347 11.20 27.10 1.43
N ASP A 348 11.62 26.39 2.50
CA ASP A 348 12.67 25.37 2.43
C ASP A 348 12.12 24.15 1.69
N MET A 349 10.83 23.80 1.94
CA MET A 349 10.10 22.69 1.34
C MET A 349 9.81 22.94 -0.15
N HIS A 350 9.43 24.20 -0.52
CA HIS A 350 9.15 24.64 -1.89
C HIS A 350 10.36 24.37 -2.78
N LYS A 351 11.59 24.59 -2.24
CA LYS A 351 12.87 24.33 -2.89
C LYS A 351 13.02 22.82 -3.15
N ILE A 352 12.59 21.99 -2.17
CA ILE A 352 12.64 20.52 -2.29
C ILE A 352 11.66 20.06 -3.40
N PHE A 353 10.47 20.70 -3.51
CA PHE A 353 9.50 20.41 -4.57
C PHE A 353 10.12 20.70 -5.94
N THR A 354 10.81 21.86 -6.06
CA THR A 354 11.52 22.28 -7.28
C THR A 354 12.65 21.27 -7.58
N ALA A 355 13.37 20.84 -6.53
CA ALA A 355 14.44 19.84 -6.63
C ALA A 355 13.88 18.46 -7.01
N GLU A 356 12.66 18.13 -6.51
CA GLU A 356 11.98 16.86 -6.80
C GLU A 356 11.46 16.85 -8.24
N VAL A 357 11.02 18.03 -8.75
CA VAL A 357 10.54 18.20 -10.14
C VAL A 357 11.76 18.18 -11.10
N GLU A 358 12.93 18.69 -10.64
CA GLU A 358 14.18 18.75 -11.41
C GLU A 358 14.77 17.34 -11.64
N ARG A 359 15.00 16.57 -10.55
CA ARG A 359 15.53 15.20 -10.58
C ARG A 359 14.60 14.27 -11.38
N PHE A 360 13.29 14.62 -11.39
CA PHE A 360 12.26 13.92 -12.15
C PHE A 360 12.47 14.08 -13.67
N ASN A 361 12.56 15.33 -14.15
CA ASN A 361 12.74 15.64 -15.58
C ASN A 361 14.14 15.28 -16.12
#